data_2GXU
#
_entry.id   2GXU
#
_cell.length_a   78.554
_cell.length_b   53.655
_cell.length_c   44.671
_cell.angle_alpha   90.00
_cell.angle_beta   95.29
_cell.angle_gamma   90.00
#
_symmetry.space_group_name_H-M   'C 1 2 1'
#
loop_
_entity.id
_entity.type
_entity.pdbx_description
1 polymer 'heat resistant RNA dependent ATPase'
2 non-polymer 'PHOSPHATE ION'
3 water water
#
_entity_poly.entity_id   1
_entity_poly.type   'polypeptide(L)'
_entity_poly.pdbx_seq_one_letter_code
;MEFKDFPLKPEILEALHGRGLTTPTPIQAAALPLALEGKDLIGQARTGTGKTLAFALPIAERLAPSQERGRKPRALVLTP
TRELALQVASELTAVAPHLKVVAVYGGTGYGKQKEALLRGADAVVATPGRALDYLRQGVLDLSRVEVAVLDEADEMLSMG
FEEEVEALLSATPPSRQTLLFSATLPSWAKRLAERYMKNPVLINVIK
;
_entity_poly.pdbx_strand_id   A
#
loop_
_chem_comp.id
_chem_comp.type
_chem_comp.name
_chem_comp.formula
PO4 non-polymer 'PHOSPHATE ION' 'O4 P -3'
#
# COMPACT_ATOMS: atom_id res chain seq x y z
N MET A 1 9.78 22.47 0.91
CA MET A 1 10.80 21.50 1.47
C MET A 1 11.07 20.42 0.44
N GLU A 2 12.33 19.94 0.40
CA GLU A 2 12.74 18.89 -0.54
C GLU A 2 12.63 17.55 0.16
N PHE A 3 12.70 16.47 -0.61
CA PHE A 3 12.70 15.14 0.02
C PHE A 3 13.79 14.99 1.07
N LYS A 4 15.00 15.52 0.82
CA LYS A 4 16.09 15.35 1.77
C LYS A 4 15.81 16.08 3.10
N ASP A 5 14.79 16.94 3.11
CA ASP A 5 14.40 17.62 4.33
C ASP A 5 13.52 16.79 5.26
N PHE A 6 13.02 15.65 4.78
CA PHE A 6 12.21 14.74 5.59
C PHE A 6 13.03 13.58 6.10
N PRO A 7 12.55 12.93 7.18
CA PRO A 7 13.31 11.85 7.76
C PRO A 7 13.24 10.54 6.96
N LEU A 8 14.04 10.48 5.89
CA LEU A 8 14.13 9.32 4.98
C LEU A 8 15.56 8.85 4.96
N LYS A 9 15.71 7.53 4.96
CA LYS A 9 17.03 6.91 5.07
C LYS A 9 17.84 7.07 3.77
N PRO A 10 19.18 6.93 3.86
CA PRO A 10 20.05 7.13 2.70
CA PRO A 10 20.06 7.13 2.70
C PRO A 10 19.64 6.36 1.46
N GLU A 11 19.29 5.07 1.60
CA GLU A 11 18.97 4.31 0.39
CA GLU A 11 18.86 4.22 0.46
C GLU A 11 17.76 4.90 -0.36
N ILE A 12 16.84 5.53 0.37
CA ILE A 12 15.65 6.09 -0.23
C ILE A 12 16.00 7.41 -0.90
N LEU A 13 16.75 8.24 -0.20
CA LEU A 13 17.15 9.50 -0.81
C LEU A 13 18.01 9.24 -2.07
N GLU A 14 18.87 8.23 -2.02
CA GLU A 14 19.74 7.92 -3.21
C GLU A 14 18.85 7.51 -4.36
N ALA A 15 17.87 6.65 -4.08
CA ALA A 15 16.94 6.22 -5.11
C ALA A 15 16.15 7.35 -5.73
N LEU A 16 15.62 8.26 -4.90
CA LEU A 16 14.86 9.40 -5.40
C LEU A 16 15.74 10.30 -6.31
N HIS A 17 16.94 10.58 -5.84
CA HIS A 17 17.90 11.39 -6.61
C HIS A 17 18.14 10.74 -7.97
N GLY A 18 18.30 9.42 -7.96
CA GLY A 18 18.55 8.63 -9.17
C GLY A 18 17.47 8.72 -10.22
N ARG A 19 16.27 9.14 -9.82
CA ARG A 19 15.19 9.37 -10.76
C ARG A 19 14.79 10.82 -10.88
N GLY A 20 15.63 11.70 -10.38
CA GLY A 20 15.36 13.12 -10.53
C GLY A 20 14.18 13.65 -9.72
N LEU A 21 13.79 12.94 -8.63
CA LEU A 21 12.70 13.38 -7.78
C LEU A 21 13.28 14.12 -6.57
N THR A 22 12.91 15.39 -6.45
CA THR A 22 13.44 16.27 -5.38
C THR A 22 12.39 16.98 -4.50
N THR A 23 11.27 17.31 -5.08
CA THR A 23 10.35 18.23 -4.44
C THR A 23 8.94 17.61 -4.33
N PRO A 24 8.53 17.31 -3.08
CA PRO A 24 7.24 16.68 -2.88
C PRO A 24 6.08 17.49 -3.45
N THR A 25 5.10 16.79 -4.02
CA THR A 25 3.83 17.40 -4.44
C THR A 25 3.02 17.73 -3.18
N PRO A 26 1.95 18.53 -3.32
CA PRO A 26 1.26 18.93 -2.09
C PRO A 26 0.79 17.75 -1.22
N ILE A 27 0.22 16.70 -1.83
CA ILE A 27 -0.28 15.58 -1.01
C ILE A 27 0.90 14.95 -0.26
N GLN A 28 2.03 14.85 -0.92
CA GLN A 28 3.24 14.29 -0.32
C GLN A 28 3.76 15.18 0.82
N ALA A 29 3.84 16.47 0.55
CA ALA A 29 4.36 17.42 1.54
C ALA A 29 3.52 17.43 2.83
N ALA A 30 2.21 17.36 2.66
CA ALA A 30 1.30 17.35 3.83
C ALA A 30 1.27 16.01 4.55
N ALA A 31 1.42 14.93 3.80
CA ALA A 31 1.23 13.59 4.34
C ALA A 31 2.48 13.11 5.05
N LEU A 32 3.67 13.46 4.53
CA LEU A 32 4.88 12.80 5.00
C LEU A 32 5.20 12.99 6.50
N PRO A 33 5.09 14.22 7.01
N PRO A 33 5.06 14.22 7.04
CA PRO A 33 5.39 14.37 8.42
CA PRO A 33 5.34 14.39 8.48
C PRO A 33 4.61 13.35 9.28
C PRO A 33 4.45 13.68 9.48
N LEU A 34 3.31 13.20 9.03
CA LEU A 34 2.41 12.34 9.79
CA LEU A 34 2.49 12.32 9.83
C LEU A 34 2.72 10.87 9.45
N ALA A 35 2.75 10.59 8.16
CA ALA A 35 2.90 9.19 7.70
C ALA A 35 4.23 8.64 8.15
N LEU A 36 5.29 9.43 8.08
CA LEU A 36 6.59 8.96 8.55
C LEU A 36 6.65 8.77 10.08
N GLU A 37 5.73 9.36 10.83
CA GLU A 37 5.67 9.18 12.28
CA GLU A 37 5.68 9.18 12.28
C GLU A 37 4.72 8.05 12.64
N GLY A 38 4.19 7.38 11.62
CA GLY A 38 3.44 6.17 11.82
C GLY A 38 1.96 6.41 12.01
N LYS A 39 1.51 7.60 11.73
CA LYS A 39 0.10 7.96 11.92
CA LYS A 39 0.10 7.95 11.93
C LYS A 39 -0.79 7.58 10.73
N ASP A 40 -2.07 7.31 11.01
CA ASP A 40 -3.03 6.98 9.97
C ASP A 40 -3.49 8.22 9.23
N LEU A 41 -3.79 8.08 7.94
CA LEU A 41 -4.11 9.23 7.07
CA LEU A 41 -4.28 9.22 7.22
C LEU A 41 -5.13 8.84 6.03
N ILE A 42 -6.04 9.75 5.71
CA ILE A 42 -6.89 9.61 4.53
C ILE A 42 -6.41 10.68 3.56
N GLY A 43 -6.08 10.24 2.34
CA GLY A 43 -5.64 11.09 1.24
C GLY A 43 -6.72 11.15 0.18
N GLN A 44 -7.38 12.30 0.09
CA GLN A 44 -8.39 12.53 -0.94
CA GLN A 44 -8.37 12.55 -0.95
C GLN A 44 -7.68 13.23 -2.09
N ALA A 45 -7.41 12.47 -3.15
CA ALA A 45 -6.53 12.89 -4.22
C ALA A 45 -6.84 12.02 -5.42
N ARG A 46 -6.72 12.62 -6.59
CA ARG A 46 -6.89 11.92 -7.86
CA ARG A 46 -6.87 11.88 -7.84
C ARG A 46 -5.51 11.52 -8.39
N THR A 47 -5.49 10.54 -9.30
CA THR A 47 -4.25 10.16 -9.98
C THR A 47 -3.64 11.40 -10.60
N GLY A 48 -2.32 11.41 -10.65
CA GLY A 48 -1.55 12.53 -11.16
C GLY A 48 -1.05 13.50 -10.11
N THR A 49 -1.51 13.34 -8.86
CA THR A 49 -1.19 14.26 -7.76
C THR A 49 0.06 13.80 -6.98
N GLY A 50 0.54 12.58 -7.26
CA GLY A 50 1.67 11.96 -6.53
C GLY A 50 1.27 11.12 -5.32
N LYS A 51 0.02 10.62 -5.31
CA LYS A 51 -0.43 9.88 -4.14
C LYS A 51 0.39 8.61 -3.93
N THR A 52 0.91 8.01 -5.00
CA THR A 52 1.63 6.76 -4.81
C THR A 52 2.86 6.92 -3.92
N LEU A 53 3.68 7.94 -4.17
CA LEU A 53 4.85 8.16 -3.24
C LEU A 53 4.43 8.53 -1.83
N ALA A 54 3.28 9.17 -1.70
CA ALA A 54 2.75 9.56 -0.39
C ALA A 54 2.61 8.33 0.52
N PHE A 55 2.28 7.15 -0.04
CA PHE A 55 2.32 5.94 0.79
C PHE A 55 3.52 5.01 0.56
N ALA A 56 4.13 5.03 -0.62
CA ALA A 56 5.32 4.19 -0.88
C ALA A 56 6.52 4.60 -0.01
N LEU A 57 6.68 5.90 0.21
CA LEU A 57 7.82 6.34 0.96
C LEU A 57 7.71 5.92 2.43
N PRO A 58 6.54 6.11 3.06
CA PRO A 58 6.43 5.56 4.44
C PRO A 58 6.69 4.05 4.57
N ILE A 59 6.20 3.26 3.62
CA ILE A 59 6.46 1.82 3.60
C ILE A 59 7.97 1.60 3.50
N ALA A 60 8.61 2.27 2.54
CA ALA A 60 10.03 2.15 2.33
C ALA A 60 10.81 2.48 3.60
N GLU A 61 10.42 3.52 4.29
CA GLU A 61 11.20 3.98 5.42
C GLU A 61 11.05 3.07 6.63
N ARG A 62 9.81 2.60 6.84
CA ARG A 62 9.49 1.86 8.04
C ARG A 62 10.07 0.45 8.00
N LEU A 63 10.16 -0.11 6.81
CA LEU A 63 10.55 -1.53 6.68
C LEU A 63 12.02 -1.63 6.40
N ALA A 64 12.75 -2.24 7.33
CA ALA A 64 14.14 -2.66 7.14
C ALA A 64 14.19 -3.89 6.23
N PRO A 65 15.32 -4.12 5.53
CA PRO A 65 15.38 -5.31 4.68
C PRO A 65 15.40 -6.62 5.49
N SER A 66 14.97 -7.70 4.86
CA SER A 66 15.06 -9.03 5.45
C SER A 66 15.40 -10.02 4.39
N GLN A 67 16.20 -11.01 4.79
CA GLN A 67 16.52 -12.11 3.92
C GLN A 67 15.73 -13.37 4.29
N GLU A 68 15.01 -13.33 5.43
CA GLU A 68 14.20 -14.46 5.93
C GLU A 68 13.44 -15.16 4.80
N ARG A 69 13.87 -16.36 4.42
CA ARG A 69 13.20 -17.16 3.41
CA ARG A 69 13.14 -17.06 3.37
C ARG A 69 11.75 -17.48 3.85
N GLY A 70 10.79 -17.43 2.93
CA GLY A 70 9.38 -17.68 3.23
C GLY A 70 8.68 -16.59 4.03
N ARG A 71 9.36 -15.46 4.25
CA ARG A 71 8.88 -14.45 5.18
C ARG A 71 7.55 -13.88 4.71
N LYS A 72 6.75 -13.47 5.67
CA LYS A 72 5.43 -12.92 5.37
C LYS A 72 5.49 -11.41 5.21
N PRO A 73 4.60 -10.84 4.35
CA PRO A 73 4.71 -9.43 4.08
C PRO A 73 4.41 -8.51 5.26
N ARG A 74 5.14 -7.41 5.33
CA ARG A 74 4.97 -6.39 6.35
C ARG A 74 4.24 -5.16 5.85
N ALA A 75 3.93 -5.16 4.56
CA ALA A 75 3.05 -4.17 3.98
C ALA A 75 2.13 -4.77 2.94
N LEU A 76 0.90 -4.25 2.92
CA LEU A 76 -0.13 -4.68 1.98
C LEU A 76 -0.69 -3.42 1.35
N VAL A 77 -0.76 -3.40 0.02
CA VAL A 77 -1.41 -2.31 -0.71
C VAL A 77 -2.49 -2.96 -1.55
N LEU A 78 -3.75 -2.55 -1.35
CA LEU A 78 -4.83 -3.02 -2.22
C LEU A 78 -5.20 -1.97 -3.26
N THR A 79 -5.41 -2.43 -4.48
CA THR A 79 -5.75 -1.57 -5.64
C THR A 79 -6.93 -2.21 -6.36
N PRO A 80 -7.71 -1.43 -7.10
CA PRO A 80 -8.90 -2.01 -7.75
C PRO A 80 -8.61 -2.82 -9.02
N THR A 81 -7.50 -2.56 -9.68
CA THR A 81 -7.13 -3.16 -10.94
C THR A 81 -5.70 -3.73 -10.99
N ARG A 82 -5.51 -4.65 -11.95
CA ARG A 82 -4.19 -5.20 -12.26
CA ARG A 82 -4.20 -5.20 -12.27
CA ARG A 82 -4.20 -5.21 -12.29
C ARG A 82 -3.24 -4.10 -12.74
N GLU A 83 -3.74 -3.22 -13.61
CA GLU A 83 -2.95 -2.11 -14.14
C GLU A 83 -2.33 -1.29 -12.99
N LEU A 84 -3.15 -0.92 -12.01
CA LEU A 84 -2.68 -0.07 -10.92
C LEU A 84 -1.77 -0.85 -9.98
N ALA A 85 -2.07 -2.14 -9.77
CA ALA A 85 -1.21 -3.01 -8.96
C ALA A 85 0.20 -3.04 -9.51
N LEU A 86 0.31 -3.21 -10.82
CA LEU A 86 1.61 -3.23 -11.48
C LEU A 86 2.31 -1.88 -11.40
N GLN A 87 1.57 -0.81 -11.63
CA GLN A 87 2.11 0.54 -11.58
CA GLN A 87 2.09 0.55 -11.56
C GLN A 87 2.66 0.83 -10.16
N VAL A 88 1.86 0.55 -9.15
CA VAL A 88 2.28 0.79 -7.74
C VAL A 88 3.44 -0.12 -7.33
N ALA A 89 3.40 -1.37 -7.74
CA ALA A 89 4.51 -2.27 -7.42
C ALA A 89 5.83 -1.75 -8.00
N SER A 90 5.79 -1.31 -9.25
CA SER A 90 6.99 -0.80 -9.93
CA SER A 90 7.01 -0.81 -9.91
C SER A 90 7.52 0.45 -9.18
N GLU A 91 6.61 1.35 -8.77
CA GLU A 91 7.06 2.57 -8.10
CA GLU A 91 7.03 2.57 -8.08
C GLU A 91 7.61 2.27 -6.71
N LEU A 92 6.94 1.40 -5.97
CA LEU A 92 7.47 0.98 -4.66
C LEU A 92 8.83 0.32 -4.79
N THR A 93 8.98 -0.56 -5.76
CA THR A 93 10.23 -1.23 -6.01
C THR A 93 11.33 -0.20 -6.27
N ALA A 94 10.98 0.86 -7.01
CA ALA A 94 11.94 1.93 -7.38
C ALA A 94 12.43 2.72 -6.17
N VAL A 95 11.54 3.00 -5.24
CA VAL A 95 11.95 3.80 -4.07
C VAL A 95 12.35 2.99 -2.87
N ALA A 96 12.14 1.68 -2.92
CA ALA A 96 12.52 0.77 -1.86
C ALA A 96 13.39 -0.37 -2.41
N PRO A 97 14.64 -0.06 -2.86
CA PRO A 97 15.47 -1.12 -3.42
C PRO A 97 15.77 -2.22 -2.42
N HIS A 98 15.71 -1.87 -1.14
CA HIS A 98 15.96 -2.81 -0.04
C HIS A 98 14.81 -3.82 0.22
N LEU A 99 13.70 -3.72 -0.52
CA LEU A 99 12.52 -4.54 -0.25
C LEU A 99 12.12 -5.39 -1.44
N LYS A 100 11.58 -6.58 -1.19
CA LYS A 100 11.00 -7.44 -2.23
C LYS A 100 9.50 -7.21 -2.28
N VAL A 101 9.05 -6.67 -3.40
CA VAL A 101 7.65 -6.36 -3.67
C VAL A 101 7.09 -7.40 -4.64
N VAL A 102 5.95 -7.98 -4.27
CA VAL A 102 5.24 -8.95 -5.12
C VAL A 102 3.87 -8.41 -5.49
N ALA A 103 3.53 -8.39 -6.78
CA ALA A 103 2.21 -7.97 -7.26
C ALA A 103 1.31 -9.21 -7.41
N VAL A 104 0.07 -9.07 -6.99
CA VAL A 104 -0.94 -10.15 -7.01
C VAL A 104 -2.22 -9.64 -7.68
N TYR A 105 -2.81 -10.40 -8.60
CA TYR A 105 -3.96 -9.95 -9.35
C TYR A 105 -4.63 -11.11 -10.06
N GLY A 106 -5.89 -10.91 -10.46
CA GLY A 106 -6.67 -11.93 -11.17
C GLY A 106 -6.52 -11.84 -12.67
N GLY A 107 -7.38 -12.57 -13.38
CA GLY A 107 -7.28 -12.63 -14.84
C GLY A 107 -6.04 -13.37 -15.30
N THR A 108 -5.51 -14.22 -14.43
CA THR A 108 -4.40 -15.12 -14.77
C THR A 108 -4.46 -16.39 -13.91
N GLY A 109 -3.58 -17.32 -14.20
CA GLY A 109 -3.46 -18.52 -13.38
C GLY A 109 -2.90 -18.22 -12.00
N TYR A 110 -3.00 -19.19 -11.10
CA TYR A 110 -2.64 -18.99 -9.69
CA TYR A 110 -2.64 -19.04 -9.70
C TYR A 110 -1.16 -19.31 -9.42
N GLY A 111 -0.53 -20.09 -10.29
CA GLY A 111 0.80 -20.66 -9.99
C GLY A 111 1.99 -19.75 -9.74
N LYS A 112 2.23 -18.78 -10.61
CA LYS A 112 3.43 -17.95 -10.49
CA LYS A 112 3.42 -17.93 -10.51
C LYS A 112 3.37 -17.05 -9.24
N GLN A 113 2.22 -16.40 -9.01
CA GLN A 113 2.14 -15.53 -7.81
C GLN A 113 2.24 -16.35 -6.53
N LYS A 114 1.69 -17.57 -6.54
CA LYS A 114 1.77 -18.45 -5.39
CA LYS A 114 1.77 -18.44 -5.36
C LYS A 114 3.23 -18.71 -5.04
N GLU A 115 4.00 -19.01 -6.06
CA GLU A 115 5.39 -19.36 -5.80
CA GLU A 115 5.42 -19.30 -5.93
C GLU A 115 6.16 -18.15 -5.31
N ALA A 116 5.90 -16.97 -5.86
CA ALA A 116 6.55 -15.74 -5.36
C ALA A 116 6.24 -15.49 -3.86
N LEU A 117 4.97 -15.59 -3.48
CA LEU A 117 4.56 -15.41 -2.07
C LEU A 117 5.22 -16.45 -1.15
N LEU A 118 5.23 -17.71 -1.58
CA LEU A 118 5.84 -18.75 -0.76
C LEU A 118 7.35 -18.54 -0.60
N ARG A 119 7.98 -17.96 -1.61
CA ARG A 119 9.41 -17.63 -1.52
CA ARG A 119 9.41 -17.65 -1.50
C ARG A 119 9.72 -16.52 -0.51
N GLY A 120 8.77 -15.62 -0.31
CA GLY A 120 8.96 -14.55 0.65
C GLY A 120 8.65 -13.22 0.02
N ALA A 121 8.11 -12.30 0.81
CA ALA A 121 7.80 -10.94 0.30
C ALA A 121 7.85 -9.97 1.44
N ASP A 122 8.32 -8.75 1.17
CA ASP A 122 8.25 -7.68 2.15
C ASP A 122 6.99 -6.84 1.98
N ALA A 123 6.58 -6.65 0.74
CA ALA A 123 5.35 -5.89 0.45
C ALA A 123 4.59 -6.60 -0.65
N VAL A 124 3.27 -6.65 -0.49
CA VAL A 124 2.38 -7.21 -1.50
C VAL A 124 1.45 -6.11 -1.96
N VAL A 125 1.32 -6.00 -3.28
CA VAL A 125 0.43 -5.03 -3.92
C VAL A 125 -0.58 -5.84 -4.71
N ALA A 126 -1.84 -5.74 -4.30
CA ALA A 126 -2.82 -6.78 -4.74
C ALA A 126 -4.18 -6.24 -5.08
N THR A 127 -4.86 -6.87 -6.07
CA THR A 127 -6.30 -6.64 -6.22
C THR A 127 -7.02 -7.58 -5.21
N PRO A 128 -8.17 -7.14 -4.66
CA PRO A 128 -8.71 -7.80 -3.47
C PRO A 128 -9.21 -9.25 -3.62
N GLY A 129 -9.80 -9.54 -4.76
CA GLY A 129 -10.35 -10.87 -5.00
C GLY A 129 -9.26 -11.93 -4.93
N ARG A 130 -8.18 -11.73 -5.67
CA ARG A 130 -7.09 -12.72 -5.69
C ARG A 130 -6.35 -12.72 -4.38
N ALA A 131 -6.22 -11.56 -3.73
CA ALA A 131 -5.60 -11.57 -2.42
C ALA A 131 -6.39 -12.43 -1.45
N LEU A 132 -7.70 -12.29 -1.44
CA LEU A 132 -8.50 -13.01 -0.47
C LEU A 132 -8.41 -14.51 -0.74
N ASP A 133 -8.39 -14.86 -2.02
CA ASP A 133 -8.22 -16.26 -2.41
CA ASP A 133 -8.20 -16.25 -2.50
C ASP A 133 -6.94 -16.86 -1.87
N TYR A 134 -5.79 -16.22 -2.08
CA TYR A 134 -4.56 -16.70 -1.48
C TYR A 134 -4.57 -16.68 0.04
N LEU A 135 -5.29 -15.73 0.63
CA LEU A 135 -5.39 -15.66 2.09
C LEU A 135 -6.13 -16.93 2.59
N ARG A 136 -7.29 -17.21 1.99
CA ARG A 136 -8.11 -18.39 2.34
CA ARG A 136 -8.10 -18.38 2.37
CA ARG A 136 -8.04 -18.35 2.47
C ARG A 136 -7.37 -19.69 2.10
N GLN A 137 -6.54 -19.72 1.05
CA GLN A 137 -5.74 -20.91 0.74
C GLN A 137 -4.59 -21.10 1.73
N GLY A 138 -4.22 -20.04 2.45
CA GLY A 138 -3.13 -20.09 3.41
C GLY A 138 -1.79 -19.73 2.76
N VAL A 139 -1.83 -19.25 1.52
CA VAL A 139 -0.60 -18.88 0.77
C VAL A 139 -0.14 -17.46 1.16
N LEU A 140 -1.12 -16.56 1.26
CA LEU A 140 -0.87 -15.18 1.76
C LEU A 140 -1.15 -15.11 3.24
N ASP A 141 -0.18 -14.65 4.00
CA ASP A 141 -0.30 -14.53 5.42
C ASP A 141 -0.17 -13.07 5.73
N LEU A 142 -1.16 -12.49 6.41
CA LEU A 142 -1.19 -11.06 6.69
C LEU A 142 -0.95 -10.70 8.16
N SER A 143 -0.55 -11.70 8.95
CA SER A 143 -0.42 -11.54 10.39
C SER A 143 0.74 -10.63 10.82
N ARG A 144 1.62 -10.32 9.89
CA ARG A 144 2.79 -9.50 10.14
C ARG A 144 2.69 -8.09 9.50
N VAL A 145 1.55 -7.76 8.89
CA VAL A 145 1.46 -6.47 8.23
C VAL A 145 1.56 -5.32 9.23
N GLU A 146 2.46 -4.37 8.94
CA GLU A 146 2.71 -3.15 9.71
CA GLU A 146 2.54 -3.20 9.79
C GLU A 146 2.10 -1.91 9.11
N VAL A 147 1.93 -1.95 7.77
CA VAL A 147 1.31 -0.86 7.01
C VAL A 147 0.33 -1.45 6.01
N ALA A 148 -0.91 -0.98 6.07
CA ALA A 148 -1.94 -1.39 5.11
C ALA A 148 -2.38 -0.15 4.35
N VAL A 149 -2.48 -0.25 3.03
CA VAL A 149 -2.88 0.87 2.20
C VAL A 149 -4.06 0.47 1.33
N LEU A 150 -5.12 1.28 1.33
CA LEU A 150 -6.22 1.10 0.39
C LEU A 150 -6.08 2.18 -0.65
N ASP A 151 -5.76 1.79 -1.87
N ASP A 151 -5.72 1.79 -1.86
CA ASP A 151 -5.50 2.76 -2.95
CA ASP A 151 -5.50 2.75 -2.93
C ASP A 151 -6.66 2.81 -3.94
C ASP A 151 -6.76 2.74 -3.82
N GLU A 152 -7.45 3.87 -3.84
CA GLU A 152 -8.72 4.05 -4.60
C GLU A 152 -9.84 3.25 -3.98
N ALA A 153 -10.18 3.59 -2.74
CA ALA A 153 -11.19 2.85 -2.00
C ALA A 153 -12.52 2.94 -2.75
N ASP A 154 -12.81 4.10 -3.33
CA ASP A 154 -14.10 4.32 -3.98
C ASP A 154 -14.22 3.43 -5.20
N GLU A 155 -13.15 3.27 -5.96
CA GLU A 155 -13.15 2.36 -7.10
C GLU A 155 -13.27 0.90 -6.67
N MET A 156 -12.71 0.57 -5.50
CA MET A 156 -12.82 -0.81 -5.03
C MET A 156 -14.28 -1.10 -4.69
N LEU A 157 -14.96 -0.10 -4.13
CA LEU A 157 -16.40 -0.25 -3.86
C LEU A 157 -17.21 -0.42 -5.14
N SER A 158 -16.94 0.45 -6.11
CA SER A 158 -17.63 0.41 -7.41
CA SER A 158 -17.61 0.42 -7.42
C SER A 158 -17.46 -0.92 -8.12
N MET A 159 -16.32 -1.55 -7.88
N MET A 159 -16.34 -1.58 -7.85
CA MET A 159 -16.03 -2.87 -8.45
CA MET A 159 -16.07 -2.87 -8.47
C MET A 159 -16.58 -4.05 -7.66
C MET A 159 -16.51 -4.06 -7.62
N GLY A 160 -17.26 -3.78 -6.56
CA GLY A 160 -17.85 -4.81 -5.74
C GLY A 160 -16.89 -5.60 -4.87
N PHE A 161 -15.79 -4.95 -4.46
CA PHE A 161 -14.78 -5.61 -3.62
C PHE A 161 -14.94 -5.29 -2.11
N GLU A 162 -16.08 -4.75 -1.66
CA GLU A 162 -16.16 -4.35 -0.27
C GLU A 162 -15.92 -5.47 0.74
N GLU A 163 -16.48 -6.63 0.51
CA GLU A 163 -16.34 -7.70 1.49
C GLU A 163 -14.91 -8.24 1.46
N GLU A 164 -14.30 -8.26 0.28
CA GLU A 164 -12.91 -8.70 0.15
C GLU A 164 -11.98 -7.74 0.90
N VAL A 165 -12.18 -6.45 0.68
CA VAL A 165 -11.33 -5.44 1.37
C VAL A 165 -11.51 -5.55 2.89
N GLU A 166 -12.74 -5.64 3.38
CA GLU A 166 -12.93 -5.79 4.80
C GLU A 166 -12.28 -7.07 5.37
N ALA A 167 -12.38 -8.21 4.64
CA ALA A 167 -11.84 -9.47 5.13
C ALA A 167 -10.31 -9.35 5.20
N LEU A 168 -9.74 -8.71 4.21
CA LEU A 168 -8.27 -8.53 4.15
C LEU A 168 -7.78 -7.63 5.29
N LEU A 169 -8.42 -6.48 5.46
CA LEU A 169 -8.08 -5.63 6.63
C LEU A 169 -8.24 -6.36 7.96
N SER A 170 -9.32 -7.13 8.11
CA SER A 170 -9.55 -7.88 9.32
C SER A 170 -8.47 -8.90 9.64
N ALA A 171 -7.75 -9.36 8.61
CA ALA A 171 -6.69 -10.33 8.78
C ALA A 171 -5.37 -9.71 9.20
N THR A 172 -5.30 -8.37 9.14
CA THR A 172 -4.09 -7.65 9.57
C THR A 172 -4.20 -7.26 11.06
N PRO A 173 -3.06 -7.13 11.75
CA PRO A 173 -3.11 -6.71 13.15
C PRO A 173 -3.50 -5.25 13.31
N PRO A 174 -4.39 -4.94 14.28
CA PRO A 174 -4.76 -3.55 14.52
C PRO A 174 -3.62 -2.67 14.96
N SER A 175 -2.47 -3.23 15.34
CA SER A 175 -1.32 -2.41 15.68
C SER A 175 -0.77 -1.66 14.44
N ARG A 176 -1.18 -2.10 13.26
CA ARG A 176 -0.75 -1.51 11.97
C ARG A 176 -1.04 -0.02 11.84
N GLN A 177 -0.27 0.62 10.96
CA GLN A 177 -0.62 1.88 10.36
C GLN A 177 -1.48 1.63 9.14
N THR A 178 -2.51 2.45 8.98
CA THR A 178 -3.41 2.33 7.83
C THR A 178 -3.51 3.67 7.10
N LEU A 179 -3.34 3.61 5.77
CA LEU A 179 -3.44 4.78 4.89
C LEU A 179 -4.53 4.51 3.84
N LEU A 180 -5.43 5.44 3.63
CA LEU A 180 -6.57 5.23 2.74
C LEU A 180 -6.59 6.39 1.75
N PHE A 181 -6.57 6.08 0.46
CA PHE A 181 -6.59 7.09 -0.59
C PHE A 181 -7.84 6.89 -1.42
N SER A 182 -8.59 7.96 -1.64
CA SER A 182 -9.83 7.86 -2.39
C SER A 182 -10.22 9.28 -2.80
N ALA A 183 -10.55 9.47 -4.07
CA ALA A 183 -10.98 10.78 -4.56
C ALA A 183 -12.29 11.19 -3.92
N THR A 184 -13.20 10.23 -3.77
CA THR A 184 -14.47 10.45 -3.09
C THR A 184 -14.59 9.56 -1.86
N LEU A 185 -15.50 9.93 -0.97
CA LEU A 185 -15.69 9.18 0.27
C LEU A 185 -17.15 8.76 0.43
N PRO A 186 -17.57 7.73 -0.30
CA PRO A 186 -18.92 7.18 -0.12
C PRO A 186 -19.08 6.63 1.29
N SER A 187 -20.32 6.42 1.73
CA SER A 187 -20.53 6.03 3.12
CA SER A 187 -20.54 6.02 3.11
C SER A 187 -19.74 4.78 3.51
N TRP A 188 -19.65 3.82 2.60
CA TRP A 188 -18.90 2.58 2.92
C TRP A 188 -17.45 2.90 3.30
N ALA A 189 -16.87 3.86 2.57
CA ALA A 189 -15.46 4.22 2.79
C ALA A 189 -15.31 4.96 4.10
N LYS A 190 -16.28 5.83 4.42
CA LYS A 190 -16.31 6.46 5.74
C LYS A 190 -16.43 5.45 6.88
N ARG A 191 -17.35 4.49 6.76
CA ARG A 191 -17.41 3.43 7.76
C ARG A 191 -16.10 2.64 7.87
N LEU A 192 -15.50 2.34 6.72
CA LEU A 192 -14.26 1.58 6.71
C LEU A 192 -13.18 2.33 7.48
N ALA A 193 -13.09 3.64 7.24
CA ALA A 193 -12.13 4.50 7.97
C ALA A 193 -12.43 4.48 9.49
N GLU A 194 -13.70 4.60 9.85
CA GLU A 194 -14.08 4.59 11.25
C GLU A 194 -13.72 3.29 11.94
N ARG A 195 -13.93 2.16 11.27
CA ARG A 195 -13.68 0.87 11.88
C ARG A 195 -12.21 0.49 11.93
N TYR A 196 -11.48 0.79 10.86
CA TYR A 196 -10.13 0.23 10.62
C TYR A 196 -8.98 1.24 10.71
N MET A 197 -9.26 2.50 11.01
CA MET A 197 -8.19 3.49 11.18
C MET A 197 -8.25 4.11 12.55
N LYS A 198 -7.15 4.72 12.99
CA LYS A 198 -6.96 5.29 14.31
CA LYS A 198 -7.02 5.28 14.30
C LYS A 198 -6.87 6.81 14.20
N ASN A 199 -7.95 7.56 14.51
CA ASN A 199 -7.90 9.01 14.50
C ASN A 199 -7.21 9.57 13.24
N PRO A 200 -7.61 9.10 12.06
CA PRO A 200 -6.86 9.52 10.85
C PRO A 200 -7.00 11.00 10.55
N VAL A 201 -5.90 11.63 10.14
CA VAL A 201 -5.97 12.98 9.57
C VAL A 201 -6.38 12.88 8.10
N LEU A 202 -7.27 13.76 7.66
CA LEU A 202 -7.70 13.79 6.26
C LEU A 202 -7.00 14.94 5.53
N ILE A 203 -6.42 14.62 4.38
CA ILE A 203 -5.76 15.62 3.57
C ILE A 203 -6.42 15.56 2.20
N ASN A 204 -6.96 16.68 1.75
CA ASN A 204 -7.72 16.73 0.50
CA ASN A 204 -7.74 16.75 0.51
C ASN A 204 -7.09 17.76 -0.43
N VAL A 205 -6.62 17.27 -1.57
N VAL A 205 -6.60 17.25 -1.57
CA VAL A 205 -6.00 18.10 -2.59
CA VAL A 205 -6.01 18.07 -2.62
C VAL A 205 -6.88 18.23 -3.84
C VAL A 205 -6.86 17.99 -3.90
N ILE A 206 -8.16 17.87 -3.71
CA ILE A 206 -9.12 17.82 -4.83
C ILE A 206 -9.32 19.26 -5.36
N LYS A 207 -9.39 19.39 -6.69
P PO4 B . 0.19 9.37 -8.93
O1 PO4 B . 0.64 8.64 -10.20
O2 PO4 B . 0.63 10.82 -9.10
O3 PO4 B . -1.33 9.39 -8.74
O4 PO4 B . 0.87 8.66 -7.76
#